data_6A4E
#
_entry.id   6A4E
#
_cell.length_a   59.667
_cell.length_b   59.667
_cell.length_c   236.201
_cell.angle_alpha   90.00
_cell.angle_beta   90.00
_cell.angle_gamma   120.00
#
_symmetry.space_group_name_H-M   'P 32 2 1'
#
loop_
_entity.id
_entity.type
_entity.pdbx_description
1 polymer Oligoribonuclease
2 polymer "RNA (5'-R(P*UP*UP*UP*UP*U)-3')"
3 water water
#
loop_
_entity_poly.entity_id
_entity_poly.type
_entity_poly.pdbx_seq_one_letter_code
_entity_poly.pdbx_strand_id
1 'polypeptide(L)'
;MAGNDSNLIWLDLEMTGLEPVEDVILEIAIIITDSELNILAQGPIFAISQTDDVLDNMNPWCIEHHGKSGLTQRCRDSEV
SLAHATKESLAFVQEWVPQGKSPMCGNSIGQDRRFINKYMPDFEDHFHYRNLDVSTIKELAKRWKPEVLESVVKTGAHLA
LDAIKESIAELKVYRELFFKL
;
A,C
2 'polyribonucleotide' UUUUU B,D
#
loop_
_chem_comp.id
_chem_comp.type
_chem_comp.name
_chem_comp.formula
U RNA linking URIDINE-5'-MONOPHOSPHATE 'C9 H13 N2 O9 P'
#
# COMPACT_ATOMS: atom_id res chain seq x y z
N MET A 1 -22.39 -12.37 13.41
CA MET A 1 -21.04 -12.29 12.84
C MET A 1 -20.41 -10.89 12.98
N ALA A 2 -20.99 -10.05 13.81
CA ALA A 2 -20.48 -8.69 14.02
C ALA A 2 -19.43 -8.62 15.14
N GLY A 3 -18.17 -8.85 14.80
CA GLY A 3 -17.09 -8.72 15.77
C GLY A 3 -16.06 -9.78 15.48
N ASN A 4 -16.36 -10.60 14.49
CA ASN A 4 -15.42 -11.62 14.03
C ASN A 4 -14.05 -10.99 13.80
N ASP A 5 -13.02 -11.62 14.34
CA ASP A 5 -11.66 -11.15 14.24
C ASP A 5 -11.13 -11.09 12.80
N SER A 6 -11.80 -11.80 11.90
CA SER A 6 -11.24 -11.99 10.57
C SER A 6 -12.02 -11.23 9.48
N ASN A 7 -13.12 -10.58 9.87
CA ASN A 7 -13.86 -9.66 9.00
C ASN A 7 -12.95 -8.60 8.38
N LEU A 8 -13.39 -8.04 7.25
CA LEU A 8 -12.59 -7.09 6.46
C LEU A 8 -13.36 -5.80 6.27
N ILE A 9 -12.66 -4.67 6.51
CA ILE A 9 -13.14 -3.33 6.18
C ILE A 9 -12.69 -2.92 4.76
N TRP A 10 -13.65 -2.74 3.88
CA TRP A 10 -13.36 -2.32 2.52
C TRP A 10 -13.69 -0.85 2.45
N LEU A 11 -12.88 -0.06 1.76
CA LEU A 11 -13.23 1.36 1.62
C LEU A 11 -12.67 1.98 0.35
N ASP A 12 -13.32 3.04 -0.10
CA ASP A 12 -12.80 3.82 -1.21
C ASP A 12 -13.06 5.29 -0.87
N LEU A 13 -12.05 6.10 -1.18
CA LEU A 13 -12.10 7.54 -0.97
C LEU A 13 -12.11 8.19 -2.36
N GLU A 14 -12.71 9.36 -2.47
CA GLU A 14 -12.49 10.20 -3.64
C GLU A 14 -11.90 11.52 -3.15
N MET A 15 -10.94 12.05 -3.90
CA MET A 15 -10.15 13.18 -3.47
C MET A 15 -10.14 14.25 -4.55
N THR A 16 -9.52 15.40 -4.27
CA THR A 16 -9.48 16.49 -5.24
C THR A 16 -8.28 16.32 -6.15
N GLY A 17 -7.44 15.35 -5.80
CA GLY A 17 -6.25 15.03 -6.55
C GLY A 17 -5.46 13.91 -5.89
N LEU A 18 -4.16 13.89 -6.18
CA LEU A 18 -3.30 12.76 -5.83
C LEU A 18 -2.37 13.05 -4.66
N GLU A 19 -2.26 14.32 -4.26
CA GLU A 19 -1.24 14.68 -3.27
C GLU A 19 -1.84 15.21 -1.97
N PRO A 20 -1.72 14.42 -0.89
CA PRO A 20 -2.30 14.73 0.42
C PRO A 20 -1.86 16.09 0.95
N VAL A 21 -0.65 16.51 0.57
CA VAL A 21 -0.10 17.82 0.92
C VAL A 21 -1.04 18.97 0.52
N GLU A 22 -1.57 18.91 -0.69
CA GLU A 22 -2.52 19.94 -1.13
C GLU A 22 -4.00 19.49 -1.28
N ASP A 23 -4.26 18.20 -1.49
CA ASP A 23 -5.63 17.74 -1.79
C ASP A 23 -6.41 17.23 -0.58
N VAL A 24 -7.74 17.25 -0.69
CA VAL A 24 -8.63 16.90 0.41
C VAL A 24 -9.62 15.82 -0.04
N ILE A 25 -10.37 15.29 0.93
CA ILE A 25 -11.29 14.19 0.70
C ILE A 25 -12.65 14.71 0.29
N LEU A 26 -13.23 14.10 -0.74
CA LEU A 26 -14.55 14.44 -1.23
C LEU A 26 -15.57 13.35 -0.90
N GLU A 27 -15.12 12.10 -0.80
CA GLU A 27 -16.08 11.02 -0.62
C GLU A 27 -15.49 9.84 0.13
N ILE A 28 -16.34 9.18 0.92
CA ILE A 28 -15.96 8.00 1.71
C ILE A 28 -17.10 6.99 1.65
N ALA A 29 -16.77 5.73 1.32
CA ALA A 29 -17.69 4.62 1.50
C ALA A 29 -16.97 3.45 2.15
N ILE A 30 -17.71 2.69 2.97
CA ILE A 30 -17.18 1.54 3.70
C ILE A 30 -18.08 0.33 3.52
N ILE A 31 -17.49 -0.81 3.18
CA ILE A 31 -18.20 -2.08 3.26
C ILE A 31 -17.42 -3.08 4.11
N ILE A 32 -18.15 -3.77 4.98
CA ILE A 32 -17.62 -4.89 5.74
C ILE A 32 -17.97 -6.20 5.02
N THR A 33 -16.97 -7.04 4.75
CA THR A 33 -17.24 -8.42 4.34
C THR A 33 -16.75 -9.38 5.41
N ASP A 34 -17.21 -10.63 5.39
CA ASP A 34 -16.57 -11.65 6.24
C ASP A 34 -15.30 -12.06 5.52
N SER A 35 -14.61 -13.09 6.01
CA SER A 35 -13.32 -13.44 5.43
C SER A 35 -13.47 -14.10 4.07
N GLU A 36 -14.70 -14.51 3.72
CA GLU A 36 -14.97 -15.20 2.47
C GLU A 36 -15.54 -14.26 1.42
N LEU A 37 -15.60 -12.98 1.78
CA LEU A 37 -15.96 -11.87 0.90
C LEU A 37 -17.48 -11.71 0.77
N ASN A 38 -18.23 -12.33 1.66
CA ASN A 38 -19.67 -12.07 1.73
C ASN A 38 -19.90 -10.72 2.37
N ILE A 39 -20.83 -9.95 1.80
CA ILE A 39 -21.02 -8.59 2.25
C ILE A 39 -21.93 -8.57 3.46
N LEU A 40 -21.36 -8.13 4.59
CA LEU A 40 -22.08 -8.11 5.86
C LEU A 40 -22.79 -6.79 6.12
N ALA A 41 -22.32 -5.70 5.52
CA ALA A 41 -22.86 -4.38 5.82
C ALA A 41 -22.34 -3.32 4.87
N GLN A 42 -23.17 -2.30 4.65
CA GLN A 42 -22.75 -1.11 3.95
C GLN A 42 -22.78 0.04 4.92
N GLY A 43 -21.69 0.80 4.98
CA GLY A 43 -21.62 1.96 5.84
C GLY A 43 -22.40 3.09 5.20
N PRO A 44 -22.58 4.20 5.93
CA PRO A 44 -23.25 5.32 5.28
C PRO A 44 -22.35 5.89 4.20
N ILE A 45 -22.93 6.58 3.23
CA ILE A 45 -22.10 7.21 2.22
C ILE A 45 -22.09 8.71 2.47
N PHE A 46 -20.90 9.27 2.50
CA PHE A 46 -20.72 10.68 2.77
C PHE A 46 -20.04 11.37 1.59
N ALA A 47 -20.76 12.29 0.95
CA ALA A 47 -20.09 13.32 0.16
C ALA A 47 -19.68 14.43 1.14
N ILE A 48 -18.41 14.85 1.08
CA ILE A 48 -17.90 15.80 2.05
C ILE A 48 -18.12 17.23 1.57
N SER A 49 -18.77 18.03 2.42
CA SER A 49 -18.97 19.45 2.13
C SER A 49 -17.62 20.12 1.92
N GLN A 50 -17.48 20.75 0.74
CA GLN A 50 -16.27 21.47 0.36
C GLN A 50 -16.70 22.78 -0.33
N THR A 51 -15.93 23.85 -0.20
CA THR A 51 -16.30 25.15 -0.78
C THR A 51 -16.08 25.14 -2.30
N ASP A 52 -16.75 26.06 -2.99
CA ASP A 52 -16.77 26.01 -4.46
C ASP A 52 -15.40 26.21 -5.08
N ASP A 53 -14.55 26.99 -4.45
CA ASP A 53 -13.24 27.21 -5.02
C ASP A 53 -12.34 25.98 -4.89
N VAL A 54 -12.62 25.11 -3.91
CA VAL A 54 -11.90 23.84 -3.83
C VAL A 54 -12.31 22.94 -5.00
N LEU A 55 -13.61 22.80 -5.16
CA LEU A 55 -14.19 21.97 -6.22
C LEU A 55 -13.82 22.46 -7.61
N ASP A 56 -13.74 23.78 -7.79
CA ASP A 56 -13.41 24.36 -9.10
C ASP A 56 -11.94 24.32 -9.45
N ASN A 57 -11.06 24.14 -8.46
CA ASN A 57 -9.62 24.16 -8.73
C ASN A 57 -8.89 22.85 -8.47
N MET A 58 -9.65 21.77 -8.42
CA MET A 58 -9.08 20.44 -8.36
C MET A 58 -8.62 20.04 -9.75
N ASN A 59 -7.58 19.21 -9.78
CA ASN A 59 -7.20 18.34 -10.89
C ASN A 59 -8.12 18.36 -12.11
N PRO A 60 -7.54 18.55 -13.31
CA PRO A 60 -8.32 18.42 -14.56
C PRO A 60 -9.03 17.06 -14.65
N TRP A 61 -8.31 15.98 -14.36
CA TRP A 61 -8.87 14.64 -14.30
C TRP A 61 -10.10 14.64 -13.40
N CYS A 62 -9.96 15.25 -12.23
CA CYS A 62 -11.04 15.30 -11.25
C CYS A 62 -12.21 16.17 -11.68
N ILE A 63 -11.94 17.28 -12.36
CA ILE A 63 -13.03 18.14 -12.82
C ILE A 63 -13.91 17.29 -13.72
N GLU A 64 -13.26 16.60 -14.63
CA GLU A 64 -13.92 15.74 -15.60
C GLU A 64 -14.63 14.57 -14.92
N HIS A 65 -13.88 13.79 -14.16
CA HIS A 65 -14.39 12.53 -13.63
C HIS A 65 -15.33 12.65 -12.44
N HIS A 66 -15.16 13.68 -11.62
CA HIS A 66 -16.07 13.87 -10.51
C HIS A 66 -17.26 14.63 -11.01
N GLY A 67 -17.03 15.52 -11.97
CA GLY A 67 -18.10 16.23 -12.61
C GLY A 67 -19.01 15.22 -13.29
N LYS A 68 -18.40 14.25 -13.94
CA LYS A 68 -19.18 13.23 -14.64
C LYS A 68 -19.91 12.29 -13.69
N SER A 69 -19.23 11.82 -12.65
CA SER A 69 -19.84 10.84 -11.75
C SER A 69 -20.97 11.45 -10.94
N GLY A 70 -21.02 12.77 -10.89
CA GLY A 70 -22.01 13.50 -10.12
C GLY A 70 -21.59 13.81 -8.69
N LEU A 71 -20.32 13.49 -8.38
CA LEU A 71 -19.76 13.71 -7.05
C LEU A 71 -19.64 15.22 -6.75
N THR A 72 -19.10 15.96 -7.72
CA THR A 72 -18.92 17.39 -7.57
C THR A 72 -20.17 18.09 -7.09
N GLN A 73 -21.28 17.81 -7.75
CA GLN A 73 -22.54 18.42 -7.39
C GLN A 73 -22.91 17.99 -5.96
N ARG A 74 -22.67 16.73 -5.63
CA ARG A 74 -23.07 16.21 -4.32
C ARG A 74 -22.31 16.86 -3.17
N CYS A 75 -21.09 17.29 -3.45
CA CYS A 75 -20.28 18.05 -2.49
C CYS A 75 -20.67 19.52 -2.45
N ARG A 76 -21.18 20.05 -3.57
CA ARG A 76 -21.74 21.41 -3.57
C ARG A 76 -22.93 21.47 -2.64
N ASP A 77 -23.70 20.38 -2.60
CA ASP A 77 -24.98 20.37 -1.90
C ASP A 77 -24.91 19.85 -0.45
N SER A 78 -23.81 19.17 -0.12
CA SER A 78 -23.59 18.60 1.21
C SER A 78 -23.36 19.64 2.32
N GLU A 79 -23.90 19.35 3.51
CA GLU A 79 -23.56 20.04 4.76
C GLU A 79 -22.65 19.20 5.68
N VAL A 80 -22.19 18.06 5.18
CA VAL A 80 -21.44 17.10 5.97
C VAL A 80 -19.98 17.50 6.10
N SER A 81 -19.52 17.67 7.33
CA SER A 81 -18.12 18.00 7.53
C SER A 81 -17.29 16.71 7.62
N LEU A 82 -16.00 16.83 7.31
CA LEU A 82 -15.12 15.69 7.45
C LEU A 82 -15.14 15.19 8.87
N ALA A 83 -15.13 16.11 9.84
CA ALA A 83 -15.16 15.74 11.26
C ALA A 83 -16.32 14.80 11.61
N HIS A 84 -17.48 15.01 10.99
CA HIS A 84 -18.65 14.17 11.24
C HIS A 84 -18.54 12.82 10.54
N ALA A 85 -18.04 12.84 9.32
CA ALA A 85 -17.89 11.62 8.55
C ALA A 85 -16.89 10.70 9.24
N THR A 86 -15.85 11.28 9.81
CA THR A 86 -14.86 10.50 10.54
C THR A 86 -15.44 9.83 11.79
N LYS A 87 -16.23 10.55 12.56
CA LYS A 87 -16.91 9.94 13.72
C LYS A 87 -17.83 8.78 13.31
N GLU A 88 -18.73 9.06 12.37
CA GLU A 88 -19.68 8.05 11.92
C GLU A 88 -18.95 6.82 11.37
N SER A 89 -17.91 7.04 10.59
CA SER A 89 -17.21 5.93 9.94
C SER A 89 -16.55 5.04 10.99
N LEU A 90 -16.02 5.69 12.02
CA LEU A 90 -15.27 5.00 13.06
C LEU A 90 -16.20 4.19 13.92
N ALA A 91 -17.35 4.78 14.21
CA ALA A 91 -18.39 4.09 14.99
C ALA A 91 -19.00 2.89 14.25
N PHE A 92 -19.08 2.98 12.93
CA PHE A 92 -19.66 1.92 12.12
C PHE A 92 -18.71 0.74 12.08
N VAL A 93 -17.48 1.06 11.76
CA VAL A 93 -16.41 0.11 11.62
C VAL A 93 -16.15 -0.59 12.97
N GLN A 94 -16.25 0.15 14.07
CA GLN A 94 -16.13 -0.40 15.43
C GLN A 94 -17.21 -1.42 15.75
N GLU A 95 -18.38 -1.20 15.17
CA GLU A 95 -19.54 -2.05 15.40
C GLU A 95 -19.40 -3.44 14.77
N TRP A 96 -18.32 -3.66 14.02
CA TRP A 96 -18.24 -4.82 13.10
C TRP A 96 -16.96 -5.63 13.18
N VAL A 97 -15.85 -4.96 13.49
CA VAL A 97 -14.54 -5.58 13.51
C VAL A 97 -13.81 -5.05 14.73
N PRO A 98 -13.05 -5.90 15.45
CA PRO A 98 -12.27 -5.37 16.58
C PRO A 98 -11.12 -4.51 16.09
N GLN A 99 -10.70 -3.52 16.88
CA GLN A 99 -9.56 -2.67 16.53
C GLN A 99 -8.37 -3.53 16.19
N GLY A 100 -7.55 -3.10 15.22
CA GLY A 100 -6.26 -3.70 14.96
C GLY A 100 -6.27 -4.96 14.13
N LYS A 101 -7.44 -5.59 14.00
CA LYS A 101 -7.53 -6.87 13.30
C LYS A 101 -7.55 -6.75 11.78
N SER A 102 -8.43 -5.90 11.25
CA SER A 102 -8.62 -5.88 9.80
C SER A 102 -7.66 -4.96 9.07
N PRO A 103 -6.97 -5.47 8.04
CA PRO A 103 -6.21 -4.57 7.17
C PRO A 103 -7.14 -3.63 6.39
N MET A 104 -6.58 -2.63 5.72
CA MET A 104 -7.38 -1.72 4.90
C MET A 104 -7.51 -2.34 3.52
N CYS A 105 -8.74 -2.56 3.06
CA CYS A 105 -8.95 -3.31 1.80
C CYS A 105 -9.48 -2.46 0.64
N GLY A 106 -9.01 -2.73 -0.59
CA GLY A 106 -9.47 -2.04 -1.80
C GLY A 106 -8.43 -2.02 -2.91
N ASN A 107 -8.63 -1.19 -3.95
CA ASN A 107 -7.66 -1.10 -5.07
C ASN A 107 -6.70 0.06 -4.86
N SER A 108 -5.41 -0.23 -4.88
CA SER A 108 -4.36 0.74 -4.56
C SER A 108 -4.72 1.43 -3.25
N ILE A 109 -4.94 0.65 -2.22
CA ILE A 109 -5.56 1.20 -1.04
C ILE A 109 -4.56 2.07 -0.26
N GLY A 110 -3.28 1.93 -0.53
CA GLY A 110 -2.24 2.73 0.10
C GLY A 110 -2.33 4.23 -0.22
N GLN A 111 -2.82 4.53 -1.41
CA GLN A 111 -3.11 5.91 -1.76
C GLN A 111 -4.18 6.48 -0.83
N ASP A 112 -5.30 5.77 -0.69
CA ASP A 112 -6.38 6.19 0.22
C ASP A 112 -5.86 6.37 1.64
N ARG A 113 -5.05 5.40 2.06
CA ARG A 113 -4.49 5.40 3.40
C ARG A 113 -3.68 6.68 3.70
N ARG A 114 -3.00 7.23 2.69
CA ARG A 114 -2.30 8.51 2.89
C ARG A 114 -3.24 9.63 3.31
N PHE A 115 -4.45 9.61 2.77
CA PHE A 115 -5.42 10.65 3.05
C PHE A 115 -6.04 10.42 4.41
N ILE A 116 -6.20 9.15 4.75
CA ILE A 116 -6.86 8.79 6.00
C ILE A 116 -5.89 9.06 7.13
N ASN A 117 -4.63 8.72 6.91
CA ASN A 117 -3.62 9.05 7.90
C ASN A 117 -3.57 10.55 8.22
N LYS A 118 -3.45 11.39 7.18
CA LYS A 118 -3.38 12.82 7.37
C LYS A 118 -4.68 13.47 7.86
N TYR A 119 -5.80 13.08 7.27
CA TYR A 119 -7.06 13.76 7.53
C TYR A 119 -8.01 13.05 8.49
N MET A 120 -7.79 11.75 8.72
CA MET A 120 -8.68 11.00 9.62
C MET A 120 -7.93 9.99 10.51
N PRO A 121 -6.85 10.44 11.20
CA PRO A 121 -5.98 9.49 11.91
C PRO A 121 -6.72 8.66 12.97
N ASP A 122 -7.79 9.21 13.54
CA ASP A 122 -8.59 8.49 14.52
C ASP A 122 -9.17 7.25 13.87
N PHE A 123 -9.74 7.46 12.69
CA PHE A 123 -10.29 6.37 11.89
C PHE A 123 -9.20 5.37 11.50
N GLU A 124 -8.03 5.86 11.09
CA GLU A 124 -6.97 4.94 10.66
C GLU A 124 -6.57 3.99 11.77
N ASP A 125 -6.71 4.46 13.02
CA ASP A 125 -6.20 3.71 14.16
C ASP A 125 -6.98 2.41 14.37
N HIS A 126 -8.20 2.35 13.88
CA HIS A 126 -8.98 1.14 14.03
C HIS A 126 -8.46 -0.03 13.18
N PHE A 127 -7.63 0.28 12.19
CA PHE A 127 -7.17 -0.71 11.23
C PHE A 127 -5.85 -1.34 11.68
N HIS A 128 -5.54 -2.47 11.07
CA HIS A 128 -4.25 -3.09 11.17
C HIS A 128 -3.29 -2.22 10.35
N TYR A 129 -1.99 -2.32 10.54
CA TYR A 129 -1.10 -1.48 9.73
C TYR A 129 -1.01 -2.03 8.29
N ARG A 130 -1.54 -3.23 8.07
CA ARG A 130 -1.40 -3.87 6.77
C ARG A 130 -2.46 -3.43 5.75
N ASN A 131 -2.11 -3.60 4.49
CA ASN A 131 -3.00 -3.27 3.39
C ASN A 131 -3.33 -4.56 2.68
N LEU A 132 -4.62 -4.75 2.37
CA LEU A 132 -5.02 -5.78 1.43
C LEU A 132 -5.31 -5.07 0.11
N ASP A 133 -4.31 -5.02 -0.77
CA ASP A 133 -4.39 -4.26 -2.03
C ASP A 133 -4.75 -5.14 -3.23
N VAL A 134 -5.99 -5.04 -3.69
CA VAL A 134 -6.45 -5.89 -4.78
C VAL A 134 -5.63 -5.67 -6.05
N SER A 135 -5.16 -4.45 -6.24
CA SER A 135 -4.26 -4.17 -7.38
C SER A 135 -2.94 -4.93 -7.32
N THR A 136 -2.51 -5.40 -6.15
CA THR A 136 -1.31 -6.26 -6.07
C THR A 136 -1.56 -7.54 -6.87
N ILE A 137 -2.75 -8.10 -6.71
CA ILE A 137 -3.06 -9.36 -7.33
C ILE A 137 -3.28 -9.15 -8.83
N LYS A 138 -3.89 -8.02 -9.18
CA LYS A 138 -4.06 -7.68 -10.59
C LYS A 138 -2.68 -7.59 -11.25
N GLU A 139 -1.73 -6.95 -10.59
CA GLU A 139 -0.36 -6.94 -11.13
C GLU A 139 0.27 -8.33 -11.24
N LEU A 140 -0.05 -9.25 -10.35
CA LEU A 140 0.54 -10.58 -10.50
C LEU A 140 -0.15 -11.32 -11.64
N ALA A 141 -1.47 -11.16 -11.73
CA ALA A 141 -2.26 -11.75 -12.81
C ALA A 141 -1.80 -11.27 -14.17
N LYS A 142 -1.53 -9.97 -14.30
CA LYS A 142 -1.02 -9.39 -15.55
C LYS A 142 0.22 -10.12 -16.04
N ARG A 143 1.05 -10.58 -15.12
CA ARG A 143 2.32 -11.20 -15.51
C ARG A 143 2.27 -12.70 -15.47
N TRP A 144 1.38 -13.27 -14.65
CA TRP A 144 1.42 -14.71 -14.42
C TRP A 144 0.32 -15.43 -15.16
N LYS A 145 -0.85 -14.81 -15.23
CA LYS A 145 -2.01 -15.43 -15.85
C LYS A 145 -2.99 -14.36 -16.35
N PRO A 146 -2.65 -13.66 -17.43
CA PRO A 146 -3.43 -12.45 -17.77
C PRO A 146 -4.85 -12.70 -18.27
N GLU A 147 -5.12 -13.86 -18.83
CA GLU A 147 -6.46 -14.17 -19.27
C GLU A 147 -7.48 -14.06 -18.17
N VAL A 148 -7.04 -14.25 -16.93
CA VAL A 148 -7.91 -14.05 -15.77
C VAL A 148 -8.54 -12.65 -15.81
N LEU A 149 -7.80 -11.67 -16.32
CA LEU A 149 -8.31 -10.29 -16.38
C LEU A 149 -9.60 -10.20 -17.20
N GLU A 150 -9.76 -11.07 -18.19
CA GLU A 150 -11.00 -11.12 -18.96
C GLU A 150 -12.27 -11.31 -18.13
N SER A 151 -12.19 -12.08 -17.04
CA SER A 151 -13.34 -12.24 -16.16
C SER A 151 -13.59 -11.05 -15.24
N VAL A 152 -12.63 -10.13 -15.18
CA VAL A 152 -12.78 -8.98 -14.32
C VAL A 152 -13.59 -7.95 -15.07
N VAL A 153 -14.59 -7.40 -14.38
CA VAL A 153 -15.59 -6.49 -14.92
C VAL A 153 -15.43 -5.11 -14.30
N LYS A 154 -15.21 -4.09 -15.12
CA LYS A 154 -15.15 -2.72 -14.60
C LYS A 154 -16.25 -1.80 -15.15
N THR A 155 -17.24 -1.55 -14.31
CA THR A 155 -18.38 -0.67 -14.59
C THR A 155 -17.95 0.81 -14.48
N GLY A 156 -18.87 1.74 -14.76
CA GLY A 156 -18.59 3.16 -14.76
C GLY A 156 -18.74 3.77 -13.38
N ALA A 157 -18.07 4.91 -13.15
CA ALA A 157 -18.03 5.52 -11.83
C ALA A 157 -19.33 6.23 -11.49
N HIS A 158 -19.86 5.88 -10.32
CA HIS A 158 -20.92 6.62 -9.64
C HIS A 158 -20.41 6.94 -8.23
N LEU A 159 -20.94 6.25 -7.22
CA LEU A 159 -20.51 6.45 -5.83
C LEU A 159 -19.18 5.73 -5.54
N ALA A 160 -18.57 6.09 -4.42
CA ALA A 160 -17.40 5.40 -3.92
C ALA A 160 -17.82 3.99 -3.54
N LEU A 161 -19.09 3.90 -3.15
CA LEU A 161 -19.78 2.65 -2.87
C LEU A 161 -19.61 1.65 -3.98
N ASP A 162 -19.93 2.08 -5.19
CA ASP A 162 -19.79 1.25 -6.37
C ASP A 162 -18.35 0.83 -6.64
N ALA A 163 -17.41 1.71 -6.32
CA ALA A 163 -16.02 1.39 -6.64
C ALA A 163 -15.53 0.28 -5.72
N ILE A 164 -15.99 0.31 -4.46
CA ILE A 164 -15.75 -0.77 -3.48
C ILE A 164 -16.34 -2.13 -3.89
N LYS A 165 -17.60 -2.13 -4.30
CA LYS A 165 -18.24 -3.35 -4.85
C LYS A 165 -17.48 -3.94 -6.03
N GLU A 166 -16.92 -3.07 -6.86
CA GLU A 166 -16.04 -3.56 -7.92
C GLU A 166 -14.76 -4.22 -7.41
N SER A 167 -14.17 -3.67 -6.37
CA SER A 167 -12.93 -4.23 -5.82
C SER A 167 -13.22 -5.62 -5.26
N ILE A 168 -14.30 -5.73 -4.48
CA ILE A 168 -14.72 -7.03 -3.93
C ILE A 168 -14.99 -8.05 -5.04
N ALA A 169 -15.68 -7.63 -6.10
CA ALA A 169 -16.04 -8.57 -7.15
C ALA A 169 -14.78 -9.02 -7.84
N GLU A 170 -13.87 -8.08 -8.02
CA GLU A 170 -12.60 -8.39 -8.66
C GLU A 170 -11.82 -9.44 -7.89
N LEU A 171 -11.66 -9.21 -6.58
CA LEU A 171 -11.00 -10.17 -5.71
C LEU A 171 -11.73 -11.54 -5.77
N LYS A 172 -13.07 -11.52 -5.80
CA LYS A 172 -13.89 -12.75 -5.91
C LYS A 172 -13.54 -13.54 -7.19
N VAL A 173 -13.36 -12.82 -8.28
CA VAL A 173 -12.91 -13.44 -9.52
C VAL A 173 -11.56 -14.13 -9.29
N TYR A 174 -10.61 -13.43 -8.67
CA TYR A 174 -9.25 -13.99 -8.44
C TYR A 174 -9.27 -15.24 -7.59
N ARG A 175 -10.06 -15.19 -6.51
CA ARG A 175 -10.23 -16.34 -5.66
C ARG A 175 -10.62 -17.54 -6.50
N GLU A 176 -11.60 -17.35 -7.39
CA GLU A 176 -12.14 -18.47 -8.17
C GLU A 176 -11.16 -18.99 -9.21
N LEU A 177 -10.43 -18.09 -9.88
CA LEU A 177 -9.62 -18.46 -11.07
C LEU A 177 -8.13 -18.39 -10.91
N PHE A 178 -7.64 -17.69 -9.90
CA PHE A 178 -6.22 -17.37 -9.84
C PHE A 178 -5.56 -17.98 -8.63
N PHE A 179 -6.31 -18.14 -7.54
CA PHE A 179 -5.77 -18.78 -6.35
C PHE A 179 -6.17 -20.27 -6.31
N LYS A 180 -5.32 -21.08 -5.69
CA LYS A 180 -5.58 -22.49 -5.53
C LYS A 180 -6.47 -22.74 -4.32
N LEU A 181 -7.58 -23.44 -4.54
CA LEU A 181 -8.48 -23.78 -3.44
C LEU A 181 -7.94 -24.97 -2.65
N MET B 1 17.91 -8.84 -21.88
CA MET B 1 17.07 -9.03 -20.70
C MET B 1 16.95 -7.75 -19.89
N ALA B 2 17.91 -6.86 -20.09
CA ALA B 2 17.92 -5.55 -19.46
C ALA B 2 16.88 -4.65 -20.10
N GLY B 3 16.07 -4.00 -19.27
CA GLY B 3 15.06 -3.08 -19.75
C GLY B 3 13.81 -3.77 -20.25
N ASN B 4 13.50 -4.93 -19.68
CA ASN B 4 12.30 -5.66 -20.06
C ASN B 4 11.08 -5.14 -19.29
N ASP B 5 9.95 -5.04 -19.97
CA ASP B 5 8.76 -4.40 -19.43
C ASP B 5 8.22 -5.01 -18.13
N SER B 6 8.34 -6.33 -17.95
CA SER B 6 7.69 -6.93 -16.79
C SER B 6 8.62 -7.12 -15.59
N ASN B 7 9.83 -6.55 -15.67
CA ASN B 7 10.83 -6.70 -14.61
C ASN B 7 10.36 -5.98 -13.36
N LEU B 8 10.69 -6.53 -12.19
CA LEU B 8 10.12 -6.02 -10.93
C LEU B 8 11.16 -5.47 -9.95
N ILE B 9 10.90 -4.26 -9.46
CA ILE B 9 11.80 -3.57 -8.54
C ILE B 9 11.39 -3.83 -7.09
N TRP B 10 12.28 -4.48 -6.35
CA TRP B 10 12.01 -4.81 -4.97
C TRP B 10 12.85 -3.92 -4.07
N LEU B 11 12.31 -3.53 -2.92
CA LEU B 11 13.13 -2.78 -1.96
C LEU B 11 12.62 -2.94 -0.52
N ASP B 12 13.52 -2.76 0.44
CA ASP B 12 13.12 -2.51 1.82
C ASP B 12 13.94 -1.34 2.40
N LEU B 13 13.32 -0.60 3.31
CA LEU B 13 14.00 0.47 4.01
C LEU B 13 13.99 0.16 5.50
N GLU B 14 14.95 0.73 6.22
CA GLU B 14 14.93 0.77 7.67
C GLU B 14 14.84 2.23 8.09
N MET B 15 14.10 2.51 9.14
CA MET B 15 13.85 3.90 9.53
C MET B 15 14.12 4.13 11.02
N THR B 16 13.95 5.37 11.46
CA THR B 16 14.10 5.67 12.89
C THR B 16 12.78 5.44 13.61
N GLY B 17 11.71 5.19 12.85
CA GLY B 17 10.40 4.91 13.41
C GLY B 17 9.31 4.78 12.37
N LEU B 18 8.06 4.83 12.82
CA LEU B 18 6.90 4.60 11.95
C LEU B 18 6.30 5.85 11.28
N GLU B 19 6.54 7.02 11.85
CA GLU B 19 5.88 8.22 11.35
C GLU B 19 6.82 9.16 10.58
N PRO B 20 6.78 9.11 9.23
CA PRO B 20 7.69 9.93 8.44
C PRO B 20 7.43 11.45 8.58
N VAL B 21 6.47 11.84 9.43
CA VAL B 21 6.28 13.26 9.72
C VAL B 21 7.62 13.85 10.20
N GLU B 22 8.27 13.17 11.14
CA GLU B 22 9.64 13.56 11.51
C GLU B 22 10.58 12.36 11.80
N ASP B 23 10.21 11.15 11.37
CA ASP B 23 11.11 9.98 11.37
C ASP B 23 11.88 9.92 10.06
N VAL B 24 13.10 9.38 10.07
CA VAL B 24 13.91 9.34 8.85
C VAL B 24 14.39 7.94 8.45
N ILE B 25 15.00 7.87 7.28
CA ILE B 25 15.47 6.59 6.73
C ILE B 25 16.92 6.25 7.13
N LEU B 26 17.09 5.07 7.71
CA LEU B 26 18.40 4.60 8.08
C LEU B 26 19.06 3.78 6.97
N GLU B 27 18.29 2.95 6.25
CA GLU B 27 18.89 2.10 5.23
C GLU B 27 18.05 1.83 3.98
N ILE B 28 18.73 1.75 2.84
CA ILE B 28 18.07 1.47 1.56
C ILE B 28 18.68 0.26 0.86
N ALA B 29 17.84 -0.72 0.49
CA ALA B 29 18.30 -1.87 -0.29
C ALA B 29 17.34 -2.21 -1.43
N ILE B 30 17.90 -2.52 -2.61
CA ILE B 30 17.11 -2.77 -3.83
C ILE B 30 17.49 -4.03 -4.64
N ILE B 31 16.52 -4.92 -4.88
CA ILE B 31 16.70 -6.06 -5.79
C ILE B 31 15.76 -6.00 -6.99
N ILE B 32 16.29 -6.31 -8.17
CA ILE B 32 15.51 -6.49 -9.40
C ILE B 32 15.21 -7.95 -9.70
N THR B 33 13.96 -8.26 -10.02
CA THR B 33 13.63 -9.60 -10.52
C THR B 33 12.92 -9.47 -11.85
N ASP B 34 12.98 -10.54 -12.65
CA ASP B 34 12.13 -10.62 -13.83
C ASP B 34 10.74 -11.00 -13.32
N SER B 35 9.77 -11.19 -14.23
CA SER B 35 8.38 -11.43 -13.83
C SER B 35 8.18 -12.79 -13.22
N GLU B 36 9.18 -13.65 -13.33
CA GLU B 36 9.11 -14.99 -12.78
C GLU B 36 9.75 -15.06 -11.40
N LEU B 37 10.31 -13.92 -10.97
CA LEU B 37 10.94 -13.72 -9.66
C LEU B 37 12.40 -14.20 -9.66
N ASN B 38 12.94 -14.45 -10.84
CA ASN B 38 14.37 -14.72 -10.91
C ASN B 38 15.12 -13.43 -10.60
N ILE B 39 16.08 -13.52 -9.67
CA ILE B 39 16.80 -12.33 -9.23
C ILE B 39 17.79 -11.97 -10.30
N LEU B 40 17.60 -10.80 -10.92
CA LEU B 40 18.47 -10.32 -12.00
C LEU B 40 19.62 -9.43 -11.53
N ALA B 41 19.38 -8.62 -10.49
CA ALA B 41 20.40 -7.71 -9.95
C ALA B 41 20.22 -7.33 -8.47
N GLN B 42 21.35 -7.18 -7.79
CA GLN B 42 21.40 -6.57 -6.46
C GLN B 42 21.76 -5.11 -6.66
N GLY B 43 21.10 -4.22 -5.93
CA GLY B 43 21.38 -2.80 -6.00
C GLY B 43 22.26 -2.30 -4.85
N PRO B 44 22.95 -1.17 -5.06
CA PRO B 44 23.75 -0.49 -4.03
C PRO B 44 23.05 -0.45 -2.66
N ILE B 45 23.70 -0.94 -1.61
CA ILE B 45 23.12 -0.89 -0.26
C ILE B 45 23.58 0.36 0.46
N PHE B 46 22.64 1.08 1.08
CA PHE B 46 22.95 2.37 1.68
C PHE B 46 22.45 2.55 3.12
N ALA B 47 23.40 2.56 4.05
CA ALA B 47 23.17 3.06 5.40
C ALA B 47 23.32 4.58 5.36
N ILE B 48 22.35 5.32 5.89
CA ILE B 48 22.30 6.77 5.68
C ILE B 48 22.76 7.57 6.90
N SER B 49 23.71 8.48 6.65
CA SER B 49 24.31 9.32 7.68
C SER B 49 23.28 10.08 8.53
N GLN B 50 23.25 9.76 9.82
CA GLN B 50 22.41 10.46 10.80
C GLN B 50 23.23 10.84 12.03
N THR B 51 23.03 12.04 12.53
CA THR B 51 23.75 12.51 13.73
C THR B 51 23.25 11.74 14.96
N ASP B 52 24.03 11.79 16.04
CA ASP B 52 23.65 11.17 17.29
C ASP B 52 22.36 11.75 17.85
N ASP B 53 22.05 12.98 17.46
CA ASP B 53 20.79 13.59 17.85
C ASP B 53 19.62 12.72 17.35
N VAL B 54 19.76 12.20 16.13
CA VAL B 54 18.75 11.34 15.53
C VAL B 54 18.80 9.89 16.05
N LEU B 55 20.01 9.30 16.04
CA LEU B 55 20.22 7.90 16.42
C LEU B 55 19.92 7.57 17.88
N ASP B 56 20.25 8.50 18.78
CA ASP B 56 19.98 8.33 20.21
C ASP B 56 18.49 8.40 20.50
N ASN B 57 17.76 9.14 19.68
CA ASN B 57 16.35 9.44 19.97
C ASN B 57 15.34 8.78 18.99
N MET B 58 15.70 7.60 18.50
CA MET B 58 14.75 6.74 17.80
C MET B 58 13.79 6.11 18.81
N ASN B 59 12.84 5.33 18.31
CA ASN B 59 11.95 4.55 19.15
C ASN B 59 12.69 3.43 19.89
N PRO B 60 12.14 2.96 21.02
CA PRO B 60 12.72 1.85 21.80
C PRO B 60 13.00 0.61 20.95
N TRP B 61 12.04 0.27 20.08
CA TRP B 61 12.18 -0.88 19.20
C TRP B 61 13.36 -0.71 18.27
N CYS B 62 13.62 0.54 17.87
CA CYS B 62 14.64 0.83 16.87
C CYS B 62 16.03 0.93 17.48
N ILE B 63 16.10 1.51 18.68
CA ILE B 63 17.35 1.59 19.41
C ILE B 63 17.89 0.20 19.69
N GLU B 64 17.01 -0.66 20.19
CA GLU B 64 17.41 -1.99 20.61
C GLU B 64 17.70 -2.90 19.43
N HIS B 65 16.86 -2.82 18.40
CA HIS B 65 17.00 -3.73 17.27
C HIS B 65 18.01 -3.25 16.24
N HIS B 66 18.08 -1.95 16.00
CA HIS B 66 19.04 -1.43 15.06
C HIS B 66 20.42 -1.40 15.67
N GLY B 67 20.48 -1.62 16.98
CA GLY B 67 21.72 -1.65 17.73
C GLY B 67 22.39 -3.00 17.60
N LYS B 68 21.64 -4.07 17.88
CA LYS B 68 22.16 -5.43 17.69
C LYS B 68 22.40 -5.70 16.20
N SER B 69 21.58 -5.10 15.36
CA SER B 69 21.66 -5.27 13.91
C SER B 69 23.03 -4.84 13.38
N GLY B 70 23.55 -3.74 13.93
CA GLY B 70 24.80 -3.17 13.47
C GLY B 70 24.59 -1.93 12.62
N LEU B 71 23.33 -1.59 12.37
CA LEU B 71 22.99 -0.52 11.44
C LEU B 71 23.21 0.88 12.03
N THR B 72 22.81 1.07 13.30
CA THR B 72 22.98 2.35 13.97
C THR B 72 24.41 2.84 13.84
N GLN B 73 25.35 1.94 14.17
CA GLN B 73 26.77 2.26 14.10
C GLN B 73 27.17 2.56 12.66
N ARG B 74 26.55 1.84 11.72
CA ARG B 74 26.82 2.02 10.29
C ARG B 74 26.40 3.41 9.80
N CYS B 75 25.27 3.90 10.32
CA CYS B 75 24.80 5.26 10.02
C CYS B 75 25.66 6.33 10.66
N ARG B 76 26.25 6.02 11.82
CA ARG B 76 27.22 6.88 12.49
C ARG B 76 28.52 6.91 11.68
N ASP B 77 28.96 5.75 11.23
CA ASP B 77 30.16 5.65 10.39
C ASP B 77 29.90 6.11 8.95
N SER B 78 28.63 6.25 8.58
CA SER B 78 28.26 6.51 7.18
C SER B 78 28.55 7.93 6.71
N GLU B 79 29.13 8.02 5.51
CA GLU B 79 29.43 9.28 4.86
C GLU B 79 28.36 9.68 3.81
N VAL B 80 27.57 8.71 3.36
CA VAL B 80 26.63 8.94 2.27
C VAL B 80 25.35 9.70 2.67
N SER B 81 24.97 10.66 1.84
CA SER B 81 23.81 11.50 2.11
C SER B 81 22.52 10.94 1.51
N LEU B 82 21.40 11.53 1.93
CA LEU B 82 20.08 11.21 1.39
C LEU B 82 20.06 11.38 -0.14
N ALA B 83 20.54 12.52 -0.63
CA ALA B 83 20.56 12.83 -2.07
C ALA B 83 21.42 11.86 -2.86
N HIS B 84 22.57 11.50 -2.30
CA HIS B 84 23.48 10.59 -2.98
C HIS B 84 22.85 9.20 -3.08
N ALA B 85 22.15 8.79 -2.04
CA ALA B 85 21.38 7.55 -2.04
C ALA B 85 20.25 7.61 -3.09
N THR B 86 19.60 8.77 -3.21
CA THR B 86 18.56 8.96 -4.22
C THR B 86 19.08 8.90 -5.66
N LYS B 87 20.19 9.59 -5.90
CA LYS B 87 20.74 9.73 -7.23
C LYS B 87 21.20 8.38 -7.76
N GLU B 88 21.74 7.56 -6.86
CA GLU B 88 22.30 6.26 -7.20
C GLU B 88 21.21 5.22 -7.42
N SER B 89 20.23 5.20 -6.52
CA SER B 89 19.14 4.25 -6.59
C SER B 89 18.37 4.41 -7.89
N LEU B 90 18.10 5.66 -8.23
CA LEU B 90 17.42 6.00 -9.47
C LEU B 90 18.19 5.47 -10.69
N ALA B 91 19.52 5.61 -10.66
CA ALA B 91 20.36 5.18 -11.79
C ALA B 91 20.33 3.65 -12.02
N PHE B 92 20.55 2.89 -10.96
CA PHE B 92 20.53 1.44 -10.97
C PHE B 92 19.21 0.93 -11.51
N VAL B 93 18.14 1.41 -10.89
CA VAL B 93 16.78 1.03 -11.21
C VAL B 93 16.43 1.37 -12.66
N GLN B 94 16.98 2.48 -13.15
CA GLN B 94 16.67 2.97 -14.48
C GLN B 94 17.18 2.03 -15.55
N GLU B 95 18.19 1.25 -15.20
CA GLU B 95 18.83 0.37 -16.15
C GLU B 95 17.95 -0.82 -16.46
N TRP B 96 17.23 -1.26 -15.43
CA TRP B 96 16.68 -2.61 -15.41
C TRP B 96 15.21 -2.71 -15.76
N VAL B 97 14.44 -1.64 -15.49
CA VAL B 97 13.06 -1.57 -15.96
C VAL B 97 12.76 -0.19 -16.54
N PRO B 98 12.01 -0.16 -17.65
CA PRO B 98 11.52 1.14 -18.13
C PRO B 98 10.66 1.85 -17.09
N GLN B 99 10.53 3.17 -17.27
CA GLN B 99 9.81 4.08 -16.38
C GLN B 99 8.31 3.76 -16.36
N GLY B 100 7.73 3.82 -15.17
CA GLY B 100 6.30 3.63 -14.98
C GLY B 100 5.83 2.19 -15.14
N LYS B 101 6.73 1.26 -15.43
CA LYS B 101 6.30 -0.11 -15.72
C LYS B 101 6.14 -0.95 -14.47
N SER B 102 7.07 -0.81 -13.53
CA SER B 102 7.09 -1.68 -12.38
C SER B 102 6.35 -1.10 -11.18
N PRO B 103 5.48 -1.90 -10.55
CA PRO B 103 5.00 -1.43 -9.25
C PRO B 103 6.16 -1.46 -8.23
N MET B 104 5.95 -0.96 -7.01
CA MET B 104 6.98 -1.04 -5.97
C MET B 104 6.74 -2.31 -5.17
N CYS B 105 7.74 -3.20 -5.05
CA CYS B 105 7.45 -4.51 -4.44
C CYS B 105 8.10 -4.78 -3.06
N GLY B 106 7.35 -5.43 -2.19
CA GLY B 106 7.87 -5.87 -0.90
C GLY B 106 6.74 -6.11 0.09
N ASN B 107 7.08 -6.32 1.37
CA ASN B 107 6.10 -6.48 2.42
C ASN B 107 5.74 -5.11 2.97
N SER B 108 4.44 -4.85 3.06
CA SER B 108 3.93 -3.55 3.45
C SER B 108 4.72 -2.43 2.78
N ILE B 109 4.87 -2.54 1.45
CA ILE B 109 5.70 -1.62 0.69
C ILE B 109 5.06 -0.21 0.61
N GLY B 110 3.79 -0.09 0.98
CA GLY B 110 3.17 1.23 1.13
C GLY B 110 3.81 2.10 2.23
N GLN B 111 4.15 1.48 3.36
CA GLN B 111 4.85 2.21 4.42
C GLN B 111 6.17 2.77 3.89
N ASP B 112 6.98 1.91 3.28
CA ASP B 112 8.20 2.35 2.62
C ASP B 112 7.90 3.50 1.67
N ARG B 113 6.89 3.33 0.83
CA ARG B 113 6.56 4.35 -0.15
C ARG B 113 6.34 5.75 0.48
N ARG B 114 5.77 5.80 1.68
CA ARG B 114 5.51 7.08 2.35
C ARG B 114 6.83 7.82 2.63
N PHE B 115 7.87 7.05 2.93
CA PHE B 115 9.21 7.59 3.21
C PHE B 115 9.93 7.92 1.91
N ILE B 116 9.74 7.08 0.90
CA ILE B 116 10.33 7.33 -0.42
C ILE B 116 9.66 8.53 -1.07
N ASN B 117 8.37 8.72 -0.82
CA ASN B 117 7.64 9.83 -1.44
C ASN B 117 8.08 11.18 -0.85
N LYS B 118 8.35 11.21 0.45
CA LYS B 118 8.75 12.45 1.13
C LYS B 118 10.24 12.79 1.00
N TYR B 119 11.10 11.81 1.25
CA TYR B 119 12.53 12.06 1.31
C TYR B 119 13.28 11.75 0.00
N MET B 120 12.71 10.90 -0.85
CA MET B 120 13.31 10.59 -2.16
C MET B 120 12.31 10.67 -3.32
N PRO B 121 11.76 11.88 -3.58
CA PRO B 121 10.72 12.04 -4.62
C PRO B 121 11.17 11.61 -6.01
N ASP B 122 12.39 11.91 -6.38
CA ASP B 122 12.89 11.58 -7.71
C ASP B 122 12.90 10.09 -7.94
N PHE B 123 13.16 9.33 -6.88
CA PHE B 123 13.28 7.88 -7.01
C PHE B 123 11.91 7.24 -7.29
N GLU B 124 10.91 7.62 -6.50
CA GLU B 124 9.55 7.11 -6.67
C GLU B 124 8.98 7.37 -8.06
N ASP B 125 9.34 8.48 -8.69
CA ASP B 125 8.85 8.80 -10.03
C ASP B 125 9.08 7.73 -11.09
N HIS B 126 10.02 6.83 -10.87
CA HIS B 126 10.30 5.78 -11.85
C HIS B 126 9.33 4.60 -11.73
N PHE B 127 8.66 4.51 -10.60
CA PHE B 127 7.75 3.39 -10.40
C PHE B 127 6.39 3.71 -11.00
N HIS B 128 5.67 2.63 -11.28
CA HIS B 128 4.22 2.70 -11.51
C HIS B 128 3.62 3.20 -10.21
N TYR B 129 2.44 3.78 -10.26
CA TYR B 129 1.80 4.19 -9.01
C TYR B 129 1.40 2.96 -8.15
N ARG B 130 1.33 1.79 -8.77
CA ARG B 130 0.84 0.63 -8.03
C ARG B 130 1.88 0.03 -7.10
N ASN B 131 1.36 -0.63 -6.08
CA ASN B 131 2.21 -1.39 -5.18
C ASN B 131 2.07 -2.89 -5.43
N LEU B 132 3.16 -3.62 -5.31
CA LEU B 132 3.05 -5.07 -5.16
C LEU B 132 3.38 -5.44 -3.70
N ASP B 133 2.32 -5.59 -2.91
CA ASP B 133 2.44 -5.89 -1.50
C ASP B 133 2.24 -7.39 -1.11
N VAL B 134 3.34 -8.11 -1.00
CA VAL B 134 3.30 -9.50 -0.57
C VAL B 134 2.47 -9.74 0.70
N SER B 135 2.44 -8.76 1.59
CA SER B 135 1.65 -8.94 2.81
C SER B 135 0.13 -8.96 2.53
N THR B 136 -0.27 -8.44 1.38
CA THR B 136 -1.66 -8.57 0.92
C THR B 136 -1.92 -10.07 0.77
N ILE B 137 -0.98 -10.79 0.19
CA ILE B 137 -1.23 -12.21 -0.04
C ILE B 137 -1.14 -12.97 1.28
N LYS B 138 -0.24 -12.53 2.16
CA LYS B 138 -0.13 -13.13 3.49
C LYS B 138 -1.43 -12.97 4.27
N GLU B 139 -2.07 -11.82 4.14
CA GLU B 139 -3.37 -11.64 4.79
C GLU B 139 -4.43 -12.56 4.19
N LEU B 140 -4.35 -12.82 2.89
CA LEU B 140 -5.29 -13.73 2.26
C LEU B 140 -4.97 -15.18 2.63
N ALA B 141 -3.70 -15.56 2.54
CA ALA B 141 -3.25 -16.86 3.05
C ALA B 141 -3.82 -17.16 4.46
N LYS B 142 -3.61 -16.25 5.41
CA LYS B 142 -4.06 -16.42 6.79
C LYS B 142 -5.54 -16.72 6.88
N ARG B 143 -6.30 -16.16 5.95
CA ARG B 143 -7.74 -16.34 6.00
C ARG B 143 -8.24 -17.50 5.14
N TRP B 144 -7.52 -17.82 4.07
CA TRP B 144 -8.03 -18.76 3.07
C TRP B 144 -7.30 -20.10 3.08
N LYS B 145 -6.01 -20.04 3.36
CA LYS B 145 -5.16 -21.22 3.32
C LYS B 145 -3.97 -21.08 4.27
N PRO B 146 -4.24 -21.06 5.58
CA PRO B 146 -3.15 -20.74 6.53
C PRO B 146 -2.00 -21.76 6.52
N GLU B 147 -2.30 -23.01 6.19
CA GLU B 147 -1.30 -24.06 6.10
C GLU B 147 -0.09 -23.69 5.24
N VAL B 148 -0.31 -22.72 4.36
CA VAL B 148 0.72 -22.26 3.42
C VAL B 148 1.83 -21.46 4.11
N LEU B 149 1.47 -20.75 5.19
CA LEU B 149 2.44 -19.96 5.96
C LEU B 149 3.58 -20.81 6.54
N GLU B 150 3.25 -22.05 6.88
CA GLU B 150 4.23 -23.03 7.35
C GLU B 150 5.47 -23.12 6.48
N SER B 151 5.31 -22.95 5.16
CA SER B 151 6.44 -23.02 4.22
C SER B 151 7.11 -21.66 4.03
N VAL B 152 6.49 -20.61 4.53
CA VAL B 152 7.12 -19.30 4.49
C VAL B 152 8.23 -19.26 5.52
N VAL B 153 9.39 -18.75 5.10
CA VAL B 153 10.58 -18.63 5.91
C VAL B 153 10.74 -17.21 6.50
N LYS B 154 10.31 -17.06 7.75
CA LYS B 154 10.45 -15.77 8.43
C LYS B 154 11.47 -15.85 9.56
N THR B 155 12.68 -15.37 9.29
CA THR B 155 13.73 -15.43 10.29
C THR B 155 13.51 -14.35 11.36
N GLY B 156 13.25 -13.12 10.91
CA GLY B 156 13.09 -12.00 11.80
C GLY B 156 14.27 -11.06 11.66
N ALA B 157 15.01 -11.25 10.58
CA ALA B 157 16.20 -10.44 10.30
C ALA B 157 15.78 -9.09 9.76
N HIS B 158 16.02 -8.03 10.54
CA HIS B 158 15.60 -6.70 10.17
C HIS B 158 16.71 -5.83 9.59
N LEU B 159 17.17 -6.16 8.40
CA LEU B 159 18.23 -5.41 7.74
C LEU B 159 17.87 -4.99 6.30
N ALA B 160 18.81 -5.20 5.38
CA ALA B 160 18.70 -4.65 4.04
C ALA B 160 18.24 -5.70 3.05
N LEU B 161 19.17 -6.56 2.66
CA LEU B 161 18.86 -7.69 1.81
C LEU B 161 18.16 -8.77 2.64
N ASP B 162 18.46 -8.81 3.93
CA ASP B 162 17.82 -9.71 4.88
C ASP B 162 16.32 -9.84 4.60
N ALA B 163 15.62 -8.72 4.72
CA ALA B 163 14.16 -8.72 4.66
C ALA B 163 13.65 -8.70 3.21
N ILE B 164 14.47 -8.22 2.27
CA ILE B 164 14.07 -8.21 0.87
C ILE B 164 13.92 -9.63 0.37
N LYS B 165 15.06 -10.33 0.31
CA LYS B 165 15.12 -11.68 -0.23
C LYS B 165 14.09 -12.56 0.44
N GLU B 166 13.74 -12.24 1.68
CA GLU B 166 12.69 -12.94 2.38
C GLU B 166 11.30 -12.60 1.84
N SER B 167 11.11 -11.36 1.37
CA SER B 167 9.88 -10.97 0.71
C SER B 167 9.76 -11.62 -0.67
N ILE B 168 10.83 -11.57 -1.47
CA ILE B 168 10.88 -12.27 -2.74
C ILE B 168 10.63 -13.78 -2.61
N ALA B 169 11.22 -14.39 -1.58
CA ALA B 169 11.12 -15.84 -1.38
C ALA B 169 9.74 -16.19 -0.88
N GLU B 170 9.16 -15.28 -0.10
CA GLU B 170 7.82 -15.53 0.42
C GLU B 170 6.81 -15.50 -0.72
N LEU B 171 7.09 -14.67 -1.73
CA LEU B 171 6.18 -14.60 -2.88
C LEU B 171 6.34 -15.90 -3.70
N LYS B 172 7.57 -16.39 -3.85
CA LYS B 172 7.81 -17.67 -4.55
C LYS B 172 7.04 -18.84 -3.92
N VAL B 173 6.93 -18.85 -2.60
CA VAL B 173 6.18 -19.88 -1.92
C VAL B 173 4.71 -19.75 -2.28
N TYR B 174 4.18 -18.53 -2.25
CA TYR B 174 2.78 -18.31 -2.58
C TYR B 174 2.52 -18.74 -4.01
N ARG B 175 3.50 -18.50 -4.88
CA ARG B 175 3.33 -18.82 -6.29
C ARG B 175 3.18 -20.33 -6.54
N GLU B 176 3.96 -21.15 -5.83
CA GLU B 176 3.87 -22.61 -5.89
C GLU B 176 2.64 -23.15 -5.17
N LEU B 177 2.30 -22.57 -4.03
CA LEU B 177 1.35 -23.21 -3.12
C LEU B 177 0.00 -22.54 -3.02
N PHE B 178 -0.06 -21.25 -3.33
CA PHE B 178 -1.28 -20.48 -3.10
C PHE B 178 -1.97 -20.10 -4.43
N PHE B 179 -1.18 -19.85 -5.47
CA PHE B 179 -1.74 -19.50 -6.78
C PHE B 179 -1.91 -20.69 -7.73
N LYS B 180 -2.98 -20.61 -8.48
CA LYS B 180 -3.28 -21.56 -9.55
C LYS B 180 -2.65 -21.04 -10.84
N LEU B 181 -1.43 -21.46 -11.14
CA LEU B 181 -0.78 -20.90 -12.34
C LEU B 181 -0.94 -21.81 -13.55
#